data_2GZH
#
_entry.id   2GZH
#
_cell.length_a   64.740
_cell.length_b   64.740
_cell.length_c   112.400
_cell.angle_alpha   90.00
_cell.angle_beta   90.00
_cell.angle_gamma   120.00
#
_symmetry.space_group_name_H-M   'P 31 2 1'
#
loop_
_entity.id
_entity.type
_entity.pdbx_description
1 polymer 'Ras-related protein Rab-11A'
2 polymer 'RAB11-FIP2 long isoform'
3 non-polymer 'PHOSPHATE ION'
4 non-polymer 'MAGNESIUM ION'
5 non-polymer "GUANOSINE-5'-TRIPHOSPHATE"
6 water water
#
loop_
_entity_poly.entity_id
_entity_poly.type
_entity_poly.pdbx_seq_one_letter_code
_entity_poly.pdbx_strand_id
1 'polypeptide(L)'
;MGTRDDEYDYLFKVVLIGDSGVGKSNLLSRFTRNEFNLESKSTIGVEFATRSIQVDGKTIKAQIWDTAGLERYRAITSAY
YRGAVGALLVYDIAKHLTYENVERWLKELRDHADSNIVI(MSE)LVGNKSDLRHLRAVPTDEARAFAEKNGLSFIETSAL
DSTNVEAAFQTILTEIY
;
A
2 'polypeptide(L)'
;GAMAAKFRASNIMPSSSFHMSPTSNEDLRKIPDSNPFDATAGYRSLTYEEVLQELVKHKELLRRKDTHIRELEDYIDNLL
VRV(MSE)EETPSILRVPYEPSRKAGKFSNS
;
B
#
loop_
_chem_comp.id
_chem_comp.type
_chem_comp.name
_chem_comp.formula
GTP non-polymer GUANOSINE-5'-TRIPHOSPHATE 'C10 H16 N5 O14 P3'
MG non-polymer 'MAGNESIUM ION' 'Mg 2'
PO4 non-polymer 'PHOSPHATE ION' 'O4 P -3'
#
# COMPACT_ATOMS: atom_id res chain seq x y z
N ASP A 6 24.52 0.17 -6.33
CA ASP A 6 25.84 0.39 -7.02
C ASP A 6 26.37 1.80 -6.71
N GLU A 7 26.30 2.21 -5.44
CA GLU A 7 26.55 3.61 -4.98
C GLU A 7 25.41 4.53 -5.43
N TYR A 8 25.45 5.75 -4.92
CA TYR A 8 24.32 6.67 -4.96
C TYR A 8 24.65 7.77 -3.95
N ASP A 9 23.97 8.91 -4.07
CA ASP A 9 24.22 10.10 -3.24
C ASP A 9 23.25 10.23 -2.06
N TYR A 10 22.14 9.50 -2.12
CA TYR A 10 21.14 9.54 -1.07
C TYR A 10 20.32 8.24 -1.13
N LEU A 11 19.96 7.69 0.04
CA LEU A 11 19.05 6.52 0.12
C LEU A 11 17.78 7.02 0.78
N PHE A 12 16.65 6.93 0.09
CA PHE A 12 15.40 7.45 0.66
C PHE A 12 14.39 6.33 0.89
N LYS A 13 13.91 6.23 2.12
CA LYS A 13 12.86 5.26 2.45
C LYS A 13 11.50 5.88 2.16
N VAL A 14 10.74 5.25 1.26
CA VAL A 14 9.36 5.69 0.98
C VAL A 14 8.34 4.61 1.26
N VAL A 15 7.22 4.94 1.86
CA VAL A 15 6.19 3.90 2.11
C VAL A 15 4.91 4.13 1.30
N LEU A 16 4.28 3.04 0.88
CA LEU A 16 2.95 3.06 0.28
C LEU A 16 1.89 2.80 1.36
N ILE A 17 0.84 3.61 1.39
CA ILE A 17 -0.28 3.36 2.32
C ILE A 17 -1.60 3.72 1.55
N GLY A 18 -2.76 3.17 1.98
CA GLY A 18 -4.06 3.41 1.30
C GLY A 18 -4.90 2.16 1.35
N ASP A 19 -6.21 2.28 1.09
CA ASP A 19 -7.12 1.15 1.26
C ASP A 19 -6.63 -0.02 0.47
N SER A 20 -6.99 -1.19 0.93
CA SER A 20 -6.76 -2.35 0.13
C SER A 20 -7.44 -2.18 -1.27
N GLY A 21 -6.74 -2.57 -2.32
CA GLY A 21 -7.32 -2.55 -3.65
C GLY A 21 -7.06 -1.30 -4.50
N VAL A 22 -6.36 -0.30 -3.97
CA VAL A 22 -6.22 0.95 -4.69
C VAL A 22 -5.12 0.88 -5.71
N GLY A 23 -4.27 -0.16 -5.62
CA GLY A 23 -3.16 -0.30 -6.55
C GLY A 23 -1.78 -0.01 -6.00
N LYS A 24 -1.65 -0.04 -4.66
CA LYS A 24 -0.31 0.19 -4.06
C LYS A 24 0.75 -0.74 -4.64
N SER A 25 0.50 -2.05 -4.64
CA SER A 25 1.53 -3.02 -5.07
C SER A 25 1.83 -2.88 -6.57
N ASN A 26 0.86 -2.48 -7.38
CA ASN A 26 1.18 -2.30 -8.77
C ASN A 26 1.89 -0.96 -9.03
N LEU A 27 1.75 0.03 -8.16
CA LEU A 27 2.56 1.23 -8.32
C LEU A 27 4.00 0.85 -8.01
N LEU A 28 4.19 -0.03 -7.02
CA LEU A 28 5.49 -0.55 -6.67
C LEU A 28 6.13 -1.31 -7.84
N SER A 29 5.49 -2.36 -8.33
CA SER A 29 6.06 -3.18 -9.44
C SER A 29 6.25 -2.36 -10.72
N ARG A 30 5.32 -1.46 -11.02
CA ARG A 30 5.45 -0.60 -12.14
C ARG A 30 6.67 0.30 -11.96
N PHE A 31 6.78 1.01 -10.83
CA PHE A 31 7.99 1.82 -10.62
C PHE A 31 9.29 1.00 -10.65
N THR A 32 9.36 -0.10 -9.94
CA THR A 32 10.63 -0.73 -9.73
C THR A 32 10.97 -1.74 -10.81
N ARG A 33 9.98 -2.42 -11.39
CA ARG A 33 10.22 -3.45 -12.40
C ARG A 33 9.60 -3.21 -13.77
N ASN A 34 8.88 -2.10 -13.93
CA ASN A 34 8.03 -1.91 -15.10
C ASN A 34 7.04 -3.06 -15.32
N GLU A 35 6.59 -3.68 -14.24
CA GLU A 35 5.59 -4.73 -14.39
C GLU A 35 4.25 -4.40 -13.73
N PHE A 36 3.18 -4.89 -14.37
CA PHE A 36 1.80 -4.70 -13.92
C PHE A 36 1.10 -6.05 -13.90
N ASN A 37 0.31 -6.29 -12.86
CA ASN A 37 -0.43 -7.52 -12.78
C ASN A 37 -1.90 -7.26 -12.50
N LEU A 38 -2.74 -7.73 -13.41
CA LEU A 38 -4.18 -7.54 -13.31
C LEU A 38 -4.76 -8.47 -12.23
N GLU A 39 -4.13 -9.63 -12.04
CA GLU A 39 -4.62 -10.64 -11.12
C GLU A 39 -3.85 -10.53 -9.82
N SER A 40 -3.96 -9.37 -9.18
CA SER A 40 -3.06 -8.98 -8.11
C SER A 40 -3.69 -9.21 -6.72
N LYS A 41 -3.09 -10.12 -5.95
CA LYS A 41 -3.69 -10.51 -4.69
C LYS A 41 -3.35 -9.50 -3.60
N SER A 42 -4.18 -9.43 -2.57
CA SER A 42 -3.89 -8.61 -1.39
C SER A 42 -2.46 -8.92 -0.88
N THR A 43 -1.69 -7.87 -0.60
CA THR A 43 -0.32 -8.05 -0.15
C THR A 43 -0.29 -8.75 1.25
N ILE A 44 0.42 -9.88 1.31
CA ILE A 44 0.70 -10.53 2.60
C ILE A 44 2.02 -10.02 3.13
N GLY A 45 2.08 -9.70 4.43
CA GLY A 45 3.34 -9.32 5.08
C GLY A 45 3.81 -7.91 4.75
N VAL A 46 5.13 -7.74 4.67
CA VAL A 46 5.75 -6.45 4.41
C VAL A 46 6.93 -6.70 3.48
N GLU A 47 7.11 -5.87 2.47
CA GLU A 47 8.22 -6.02 1.56
C GLU A 47 8.66 -4.66 1.07
N PHE A 48 9.80 -4.62 0.41
CA PHE A 48 10.26 -3.43 -0.26
C PHE A 48 11.01 -3.81 -1.52
N ALA A 49 11.19 -2.83 -2.39
CA ALA A 49 11.99 -2.98 -3.59
C ALA A 49 12.66 -1.65 -3.76
N THR A 50 13.85 -1.66 -4.38
CA THR A 50 14.62 -0.42 -4.53
C THR A 50 14.71 -0.05 -6.00
N ARG A 51 14.83 1.23 -6.26
CA ARG A 51 15.19 1.66 -7.61
C ARG A 51 16.03 2.93 -7.53
N SER A 52 17.08 2.97 -8.32
CA SER A 52 17.92 4.17 -8.46
C SER A 52 17.42 5.01 -9.62
N ILE A 53 17.29 6.32 -9.40
CA ILE A 53 16.99 7.27 -10.46
C ILE A 53 17.78 8.57 -10.29
N GLN A 54 18.05 9.23 -11.42
CA GLN A 54 18.58 10.61 -11.45
C GLN A 54 17.49 11.61 -11.12
N VAL A 55 17.72 12.42 -10.10
CA VAL A 55 16.82 13.51 -9.72
C VAL A 55 17.76 14.68 -9.50
N ASP A 56 17.64 15.70 -10.35
CA ASP A 56 18.70 16.73 -10.54
C ASP A 56 20.00 16.05 -10.93
N GLY A 57 21.07 16.49 -10.31
CA GLY A 57 22.37 15.94 -10.61
C GLY A 57 22.57 14.64 -9.88
N LYS A 58 21.68 14.34 -8.94
CA LYS A 58 21.94 13.25 -7.98
C LYS A 58 21.32 11.90 -8.37
N THR A 59 22.02 10.82 -8.02
CA THR A 59 21.42 9.47 -8.06
C THR A 59 20.86 9.10 -6.66
N ILE A 60 19.60 8.66 -6.66
CA ILE A 60 18.86 8.38 -5.43
C ILE A 60 18.39 6.94 -5.47
N LYS A 61 18.84 6.14 -4.50
CA LYS A 61 18.22 4.85 -4.18
C LYS A 61 16.91 5.11 -3.47
N ALA A 62 15.83 4.80 -4.17
CA ALA A 62 14.50 4.87 -3.56
C ALA A 62 14.22 3.49 -3.01
N GLN A 63 14.03 3.42 -1.71
CA GLN A 63 13.71 2.16 -1.08
C GLN A 63 12.24 2.21 -0.75
N ILE A 64 11.45 1.51 -1.58
CA ILE A 64 9.97 1.59 -1.56
C ILE A 64 9.34 0.43 -0.79
N TRP A 65 8.62 0.78 0.26
CA TRP A 65 7.97 -0.23 1.09
C TRP A 65 6.48 -0.38 0.84
N ASP A 66 6.03 -1.62 0.96
CA ASP A 66 4.66 -1.97 0.71
C ASP A 66 4.16 -3.01 1.76
N THR A 67 2.86 -3.00 2.02
CA THR A 67 2.19 -3.91 2.95
C THR A 67 0.68 -3.81 2.66
N ALA A 68 -0.12 -4.68 3.25
CA ALA A 68 -1.57 -4.62 3.16
C ALA A 68 -2.13 -3.31 3.79
N GLY A 69 -3.02 -2.62 3.07
CA GLY A 69 -3.80 -1.53 3.66
C GLY A 69 -5.18 -1.90 4.18
N LEU A 70 -5.38 -3.16 4.56
CA LEU A 70 -6.67 -3.62 5.18
C LEU A 70 -6.77 -3.10 6.62
N GLU A 71 -5.64 -3.18 7.32
CA GLU A 71 -5.54 -2.71 8.68
C GLU A 71 -4.90 -1.35 8.75
N ARG A 72 -5.33 -0.64 9.78
CA ARG A 72 -4.74 0.60 10.23
C ARG A 72 -3.48 0.41 11.11
N TYR A 73 -3.63 0.07 12.38
CA TYR A 73 -2.45 0.00 13.20
C TYR A 73 -2.20 -1.41 13.65
N ARG A 74 -0.96 -1.86 13.45
CA ARG A 74 -0.56 -3.20 13.85
C ARG A 74 0.88 -3.23 14.29
N ALA A 75 1.33 -4.40 14.70
CA ALA A 75 2.65 -4.53 15.30
C ALA A 75 3.77 -4.07 14.35
N ILE A 76 3.57 -4.13 13.05
CA ILE A 76 4.63 -3.73 12.15
C ILE A 76 4.67 -2.21 11.86
N THR A 77 3.75 -1.47 12.45
CA THR A 77 3.49 -0.12 12.04
C THR A 77 4.64 0.83 12.33
N SER A 78 5.18 0.77 13.54
CA SER A 78 6.31 1.60 13.89
C SER A 78 7.49 1.35 13.00
N ALA A 79 7.83 0.07 12.85
CA ALA A 79 8.97 -0.31 12.09
C ALA A 79 8.75 0.13 10.64
N TYR A 80 7.52 0.10 10.16
CA TYR A 80 7.17 0.43 8.78
C TYR A 80 7.45 1.92 8.48
N TYR A 81 6.99 2.80 9.37
CA TYR A 81 7.26 4.23 9.23
C TYR A 81 8.63 4.64 9.71
N ARG A 82 9.35 3.76 10.42
CA ARG A 82 10.64 4.15 11.01
C ARG A 82 11.59 4.52 9.88
N GLY A 83 12.11 5.74 9.92
CA GLY A 83 13.06 6.23 8.94
C GLY A 83 12.45 6.63 7.60
N ALA A 84 11.13 6.56 7.47
CA ALA A 84 10.50 6.88 6.19
C ALA A 84 10.45 8.39 6.01
N VAL A 85 10.99 8.83 4.88
CA VAL A 85 11.09 10.25 4.55
C VAL A 85 9.98 10.72 3.57
N GLY A 86 9.31 9.74 2.95
CA GLY A 86 8.12 10.03 2.15
C GLY A 86 7.07 8.94 2.24
N ALA A 87 5.80 9.36 2.17
CA ALA A 87 4.69 8.45 1.95
C ALA A 87 3.90 8.79 0.67
N LEU A 88 3.65 7.78 -0.17
CA LEU A 88 2.60 7.90 -1.17
C LEU A 88 1.32 7.37 -0.60
N LEU A 89 0.35 8.25 -0.47
CA LEU A 89 -0.93 7.93 0.10
C LEU A 89 -1.93 7.82 -1.04
N VAL A 90 -2.41 6.61 -1.28
CA VAL A 90 -3.04 6.28 -2.55
C VAL A 90 -4.50 5.97 -2.36
N TYR A 91 -5.32 6.52 -3.26
CA TYR A 91 -6.73 6.08 -3.34
C TYR A 91 -7.01 5.66 -4.76
N ASP A 92 -8.21 5.14 -4.99
CA ASP A 92 -8.64 4.64 -6.28
C ASP A 92 -9.65 5.67 -6.82
N ILE A 93 -9.33 6.36 -7.91
CA ILE A 93 -10.23 7.40 -8.46
C ILE A 93 -11.66 6.89 -8.77
N ALA A 94 -11.83 5.59 -8.94
CA ALA A 94 -13.12 5.00 -9.25
C ALA A 94 -13.88 4.53 -8.02
N LYS A 95 -13.30 4.60 -6.82
CA LYS A 95 -13.98 4.16 -5.55
C LYS A 95 -13.98 5.26 -4.52
N HIS A 96 -15.11 5.94 -4.41
CA HIS A 96 -15.20 7.09 -3.53
C HIS A 96 -14.78 6.74 -2.10
N LEU A 97 -15.10 5.51 -1.67
CA LEU A 97 -14.75 5.07 -0.31
C LEU A 97 -13.24 5.15 0.01
N THR A 98 -12.41 4.75 -0.97
CA THR A 98 -10.96 4.77 -0.79
C THR A 98 -10.49 6.21 -0.60
N TYR A 99 -11.22 7.12 -1.24
CA TYR A 99 -10.91 8.53 -1.11
C TYR A 99 -11.45 9.10 0.23
N GLU A 100 -12.65 8.70 0.66
CA GLU A 100 -13.12 9.05 2.03
C GLU A 100 -12.09 8.63 3.09
N ASN A 101 -11.55 7.42 2.95
CA ASN A 101 -10.52 6.98 3.90
C ASN A 101 -9.19 7.75 3.93
N VAL A 102 -8.96 8.65 2.99
CA VAL A 102 -7.72 9.43 2.95
C VAL A 102 -7.36 10.15 4.26
N GLU A 103 -8.32 10.81 4.89
CA GLU A 103 -8.02 11.53 6.17
C GLU A 103 -7.73 10.56 7.31
N ARG A 104 -8.32 9.37 7.25
CA ARG A 104 -8.02 8.33 8.22
C ARG A 104 -6.57 7.92 8.10
N TRP A 105 -6.08 7.79 6.86
CA TRP A 105 -4.65 7.43 6.65
C TRP A 105 -3.72 8.57 7.05
N LEU A 106 -4.23 9.79 6.89
CA LEU A 106 -3.49 11.00 7.28
C LEU A 106 -3.26 11.04 8.75
N LYS A 107 -4.32 10.78 9.52
CA LYS A 107 -4.18 10.72 10.97
C LYS A 107 -3.14 9.66 11.32
N GLU A 108 -3.25 8.52 10.65
CA GLU A 108 -2.29 7.46 10.88
C GLU A 108 -0.85 7.90 10.64
N LEU A 109 -0.59 8.65 9.57
CA LEU A 109 0.75 9.25 9.40
C LEU A 109 1.15 10.19 10.53
N ARG A 110 0.21 11.05 10.96
CA ARG A 110 0.51 12.04 11.98
C ARG A 110 0.89 11.28 13.24
N ASP A 111 0.12 10.22 13.54
CA ASP A 111 0.37 9.39 14.71
C ASP A 111 1.68 8.59 14.69
N HIS A 112 2.13 8.11 13.53
CA HIS A 112 3.26 7.18 13.56
C HIS A 112 4.45 7.63 12.74
N ALA A 113 4.24 8.43 11.71
CA ALA A 113 5.41 8.89 10.95
C ALA A 113 6.06 10.08 11.60
N ASP A 114 7.35 10.23 11.31
CA ASP A 114 8.07 11.44 11.49
C ASP A 114 7.24 12.68 11.08
N SER A 115 7.43 13.78 11.82
CA SER A 115 6.57 14.95 11.60
C SER A 115 6.91 15.65 10.28
N ASN A 116 8.10 15.36 9.75
CA ASN A 116 8.62 15.91 8.49
C ASN A 116 8.51 14.98 7.26
N ILE A 117 7.65 13.98 7.35
CA ILE A 117 7.50 13.06 6.22
C ILE A 117 6.93 13.86 5.05
N VAL A 118 7.52 13.71 3.87
CA VAL A 118 6.90 14.31 2.70
C VAL A 118 5.80 13.38 2.26
N ILE A 119 4.55 13.85 2.31
CA ILE A 119 3.39 13.07 1.88
C ILE A 119 2.81 13.50 0.53
N MSE A 120 2.76 12.58 -0.42
CA MSE A 120 2.03 12.79 -1.65
C MSE A 120 0.74 11.96 -1.77
O MSE A 120 0.76 10.73 -1.54
CB MSE A 120 2.90 12.46 -2.83
CG MSE A 120 2.26 12.91 -4.16
SE MSE A 120 3.57 12.73 -5.58
CE MSE A 120 2.81 14.24 -6.60
N LEU A 121 -0.31 12.64 -2.18
CA LEU A 121 -1.63 12.07 -2.40
C LEU A 121 -1.75 11.61 -3.84
N VAL A 122 -2.08 10.34 -4.05
CA VAL A 122 -2.07 9.80 -5.38
C VAL A 122 -3.43 9.22 -5.67
N GLY A 123 -4.15 9.78 -6.63
CA GLY A 123 -5.36 9.10 -7.11
C GLY A 123 -4.99 8.13 -8.23
N ASN A 124 -5.12 6.84 -7.97
CA ASN A 124 -4.68 5.83 -8.96
C ASN A 124 -5.85 5.27 -9.77
N LYS A 125 -5.54 4.52 -10.84
CA LYS A 125 -6.52 3.96 -11.79
C LYS A 125 -7.15 5.05 -12.67
N SER A 126 -6.35 6.03 -13.11
CA SER A 126 -6.85 7.06 -14.02
C SER A 126 -7.25 6.51 -15.43
N ASP A 127 -6.81 5.31 -15.79
CA ASP A 127 -7.37 4.67 -16.97
C ASP A 127 -8.87 4.45 -16.90
N LEU A 128 -9.45 4.47 -15.70
CA LEU A 128 -10.90 4.18 -15.56
C LEU A 128 -11.72 5.46 -15.68
N ARG A 129 -11.53 6.18 -16.77
CA ARG A 129 -12.11 7.53 -16.90
C ARG A 129 -13.65 7.45 -16.91
N HIS A 130 -14.18 6.43 -17.59
CA HIS A 130 -15.62 6.20 -17.63
C HIS A 130 -16.21 5.86 -16.27
N LEU A 131 -15.41 5.26 -15.39
CA LEU A 131 -15.88 4.89 -14.06
C LEU A 131 -15.51 5.87 -12.92
N ARG A 132 -15.13 7.09 -13.26
CA ARG A 132 -14.60 8.01 -12.24
C ARG A 132 -15.62 8.36 -11.15
N ALA A 133 -15.19 8.19 -9.89
CA ALA A 133 -15.99 8.54 -8.74
C ALA A 133 -15.46 9.73 -7.98
N VAL A 134 -14.23 10.15 -8.27
CA VAL A 134 -13.61 11.26 -7.52
C VAL A 134 -13.08 12.31 -8.46
N PRO A 135 -13.77 13.47 -8.51
CA PRO A 135 -13.31 14.49 -9.44
C PRO A 135 -11.97 15.00 -9.00
N THR A 136 -11.07 15.16 -9.97
CA THR A 136 -9.73 15.66 -9.78
C THR A 136 -9.69 16.91 -8.91
N ASP A 137 -10.63 17.83 -9.17
CA ASP A 137 -10.70 19.11 -8.45
C ASP A 137 -10.95 18.96 -6.98
N GLU A 138 -11.91 18.08 -6.64
CA GLU A 138 -12.20 17.79 -5.26
C GLU A 138 -10.94 17.29 -4.53
N ALA A 139 -10.24 16.30 -5.12
CA ALA A 139 -8.98 15.82 -4.51
C ALA A 139 -7.86 16.86 -4.51
N ARG A 140 -7.74 17.58 -5.62
CA ARG A 140 -6.79 18.69 -5.75
C ARG A 140 -7.02 19.69 -4.60
N ALA A 141 -8.26 20.17 -4.48
CA ALA A 141 -8.66 21.01 -3.35
C ALA A 141 -8.15 20.47 -2.01
N PHE A 142 -8.58 19.25 -1.66
CA PHE A 142 -8.16 18.58 -0.41
C PHE A 142 -6.65 18.59 -0.14
N ALA A 143 -5.85 18.24 -1.15
CA ALA A 143 -4.42 18.14 -1.02
C ALA A 143 -3.77 19.46 -0.64
N GLU A 144 -4.13 20.54 -1.34
CA GLU A 144 -3.38 21.79 -1.12
C GLU A 144 -3.76 22.39 0.23
N LYS A 145 -5.04 22.25 0.55
CA LYS A 145 -5.58 22.55 1.86
C LYS A 145 -4.78 21.85 2.97
N ASN A 146 -4.34 20.62 2.71
CA ASN A 146 -3.66 19.83 3.73
C ASN A 146 -2.14 19.76 3.57
N GLY A 147 -1.56 20.62 2.73
CA GLY A 147 -0.09 20.66 2.51
C GLY A 147 0.48 19.44 1.79
N LEU A 148 -0.32 18.86 0.89
CA LEU A 148 0.11 17.63 0.22
C LEU A 148 0.26 17.89 -1.26
N SER A 149 1.34 17.37 -1.87
CA SER A 149 1.40 17.21 -3.31
C SER A 149 0.28 16.28 -3.76
N PHE A 150 -0.15 16.44 -5.01
CA PHE A 150 -1.19 15.63 -5.57
C PHE A 150 -0.90 15.25 -7.01
N ILE A 151 -1.31 14.04 -7.40
CA ILE A 151 -1.15 13.55 -8.77
C ILE A 151 -2.13 12.38 -9.05
N GLU A 152 -2.50 12.21 -10.31
CA GLU A 152 -3.27 11.02 -10.66
C GLU A 152 -2.44 10.11 -11.53
N THR A 153 -2.50 8.80 -11.27
CA THR A 153 -1.67 7.85 -11.98
C THR A 153 -2.51 6.71 -12.50
N SER A 154 -1.89 5.87 -13.32
CA SER A 154 -2.44 4.60 -13.69
C SER A 154 -1.28 3.65 -13.68
N ALA A 155 -1.26 2.73 -12.73
CA ALA A 155 -0.26 1.68 -12.72
C ALA A 155 -0.47 0.80 -13.95
N LEU A 156 -1.70 0.70 -14.41
CA LEU A 156 -2.04 -0.16 -15.55
C LEU A 156 -1.43 0.34 -16.86
N ASP A 157 -1.60 1.62 -17.17
CA ASP A 157 -1.10 2.13 -18.43
C ASP A 157 0.18 2.96 -18.20
N SER A 158 0.51 3.22 -16.93
CA SER A 158 1.79 3.87 -16.50
C SER A 158 1.74 5.35 -16.36
N THR A 159 0.66 5.99 -16.78
CA THR A 159 0.61 7.42 -16.69
C THR A 159 1.04 7.91 -15.29
N ASN A 160 1.99 8.84 -15.24
CA ASN A 160 2.39 9.55 -14.05
C ASN A 160 3.10 8.77 -12.95
N VAL A 161 3.30 7.48 -13.16
CA VAL A 161 3.92 6.66 -12.13
C VAL A 161 5.34 7.15 -11.84
N GLU A 162 6.14 7.34 -12.90
CA GLU A 162 7.49 7.95 -12.75
C GLU A 162 7.42 9.32 -12.12
N ALA A 163 6.48 10.13 -12.60
CA ALA A 163 6.40 11.52 -12.19
C ALA A 163 6.11 11.55 -10.71
N ALA A 164 5.24 10.66 -10.27
CA ALA A 164 4.86 10.58 -8.87
C ALA A 164 6.10 10.29 -8.00
N PHE A 165 6.89 9.29 -8.35
CA PHE A 165 8.02 8.94 -7.50
C PHE A 165 9.07 9.99 -7.58
N GLN A 166 9.32 10.49 -8.81
CA GLN A 166 10.20 11.64 -9.04
C GLN A 166 9.85 12.82 -8.17
N THR A 167 8.60 13.21 -8.16
CA THR A 167 8.19 14.38 -7.41
C THR A 167 8.46 14.20 -5.92
N ILE A 168 8.08 13.04 -5.35
CA ILE A 168 8.18 12.89 -3.90
C ILE A 168 9.66 12.86 -3.49
N LEU A 169 10.47 12.17 -4.30
CA LEU A 169 11.87 12.04 -4.04
C LEU A 169 12.55 13.43 -4.13
N THR A 170 12.13 14.30 -5.05
CA THR A 170 12.84 15.55 -5.19
C THR A 170 12.44 16.43 -4.05
N GLU A 171 11.19 16.32 -3.61
CA GLU A 171 10.69 17.08 -2.47
C GLU A 171 11.22 16.56 -1.13
N ILE A 172 11.98 15.47 -1.16
CA ILE A 172 12.58 14.98 0.07
C ILE A 172 13.96 15.64 0.22
N TYR A 173 14.66 15.82 -0.90
CA TYR A 173 15.98 16.48 -0.93
C TYR A 173 16.24 17.51 0.19
N GLY B 42 -26.30 -26.26 -6.25
CA GLY B 42 -27.73 -26.29 -6.01
C GLY B 42 -28.30 -27.70 -6.03
N TYR B 43 -28.52 -28.25 -4.85
CA TYR B 43 -28.65 -29.72 -4.69
C TYR B 43 -29.54 -30.30 -3.53
N ARG B 44 -30.63 -30.95 -3.93
CA ARG B 44 -31.85 -31.24 -3.14
C ARG B 44 -31.70 -32.19 -1.94
N SER B 45 -32.37 -33.34 -2.01
CA SER B 45 -32.17 -34.47 -1.08
C SER B 45 -32.51 -34.26 0.40
N LEU B 46 -31.92 -33.23 1.02
CA LEU B 46 -32.05 -33.06 2.47
C LEU B 46 -33.30 -32.32 2.86
N THR B 47 -33.83 -32.63 4.03
CA THR B 47 -34.99 -31.90 4.55
C THR B 47 -34.61 -30.46 4.89
N TYR B 48 -35.63 -29.63 5.01
CA TYR B 48 -35.46 -28.28 5.49
C TYR B 48 -34.72 -28.26 6.84
N GLU B 49 -35.01 -29.25 7.69
CA GLU B 49 -34.37 -29.37 9.00
C GLU B 49 -32.88 -29.60 8.86
N GLU B 50 -32.55 -30.48 7.92
CA GLU B 50 -31.18 -30.88 7.69
C GLU B 50 -30.36 -29.77 7.06
N VAL B 51 -30.86 -29.22 5.96
CA VAL B 51 -30.23 -28.08 5.29
C VAL B 51 -30.00 -26.93 6.31
N LEU B 52 -30.84 -26.90 7.35
CA LEU B 52 -30.80 -25.87 8.35
C LEU B 52 -29.74 -26.07 9.45
N GLN B 53 -29.54 -27.30 9.91
CA GLN B 53 -28.42 -27.54 10.82
C GLN B 53 -27.05 -27.53 10.07
N GLU B 54 -27.11 -27.86 8.78
CA GLU B 54 -25.99 -27.75 7.88
C GLU B 54 -25.46 -26.32 7.79
N LEU B 55 -26.39 -25.38 7.77
CA LEU B 55 -26.10 -23.98 7.69
C LEU B 55 -25.40 -23.51 8.97
N VAL B 56 -25.85 -24.05 10.11
CA VAL B 56 -25.31 -23.72 11.41
C VAL B 56 -23.89 -24.25 11.57
N LYS B 57 -23.68 -25.46 11.06
CA LYS B 57 -22.43 -26.19 11.10
C LYS B 57 -21.38 -25.48 10.23
N HIS B 58 -21.83 -24.93 9.12
CA HIS B 58 -20.95 -24.20 8.22
C HIS B 58 -20.60 -22.80 8.71
N LYS B 59 -21.53 -22.15 9.42
CA LYS B 59 -21.27 -20.88 10.08
C LYS B 59 -20.19 -21.04 11.15
N GLU B 60 -20.32 -22.08 11.95
CA GLU B 60 -19.33 -22.37 12.97
C GLU B 60 -17.98 -22.73 12.33
N LEU B 61 -18.01 -23.30 11.14
CA LEU B 61 -16.78 -23.64 10.50
C LEU B 61 -16.09 -22.37 9.96
N LEU B 62 -16.83 -21.43 9.38
CA LEU B 62 -16.26 -20.16 8.97
C LEU B 62 -15.68 -19.35 10.14
N ARG B 63 -16.32 -19.48 11.30
CA ARG B 63 -15.84 -18.80 12.47
C ARG B 63 -14.47 -19.34 12.84
N ARG B 64 -14.30 -20.65 12.75
CA ARG B 64 -13.03 -21.26 13.06
C ARG B 64 -11.92 -20.90 12.05
N LYS B 65 -12.29 -20.73 10.78
CA LYS B 65 -11.36 -20.39 9.74
C LYS B 65 -10.90 -18.98 9.95
N ASP B 66 -11.84 -18.06 10.20
CA ASP B 66 -11.54 -16.66 10.57
C ASP B 66 -10.54 -16.55 11.70
N THR B 67 -10.80 -17.28 12.77
CA THR B 67 -9.93 -17.27 13.93
C THR B 67 -8.53 -17.68 13.51
N HIS B 68 -8.45 -18.76 12.72
CA HIS B 68 -7.18 -19.24 12.23
C HIS B 68 -6.47 -18.23 11.35
N ILE B 69 -7.22 -17.55 10.48
CA ILE B 69 -6.67 -16.48 9.66
C ILE B 69 -6.04 -15.36 10.53
N ARG B 70 -6.77 -14.94 11.56
CA ARG B 70 -6.25 -14.00 12.54
C ARG B 70 -4.98 -14.46 13.26
N GLU B 71 -4.98 -15.68 13.74
CA GLU B 71 -3.78 -16.27 14.31
C GLU B 71 -2.60 -16.25 13.33
N LEU B 72 -2.81 -16.67 12.09
CA LEU B 72 -1.79 -16.59 11.06
C LEU B 72 -1.29 -15.16 10.82
N GLU B 73 -2.24 -14.22 10.76
CA GLU B 73 -1.89 -12.82 10.57
C GLU B 73 -1.05 -12.29 11.71
N ASP B 74 -1.42 -12.64 12.94
CA ASP B 74 -0.69 -12.11 14.07
C ASP B 74 0.72 -12.66 14.07
N TYR B 75 0.88 -13.94 13.72
CA TYR B 75 2.15 -14.58 13.77
C TYR B 75 3.07 -13.89 12.75
N ILE B 76 2.55 -13.71 11.55
CA ILE B 76 3.25 -12.95 10.53
C ILE B 76 3.69 -11.56 11.06
N ASP B 77 2.77 -10.79 11.61
CA ASP B 77 3.14 -9.47 12.05
C ASP B 77 4.20 -9.49 13.13
N ASN B 78 4.05 -10.38 14.09
CA ASN B 78 5.04 -10.46 15.14
C ASN B 78 6.38 -10.95 14.67
N LEU B 79 6.40 -11.82 13.66
CA LEU B 79 7.65 -12.25 13.12
C LEU B 79 8.28 -11.10 12.29
N LEU B 80 7.46 -10.36 11.53
CA LEU B 80 8.00 -9.26 10.70
C LEU B 80 8.64 -8.14 11.54
N VAL B 81 8.08 -7.81 12.68
CA VAL B 81 8.73 -6.86 13.56
C VAL B 81 10.19 -7.26 13.79
N ARG B 82 10.39 -8.48 14.29
CA ARG B 82 11.75 -9.02 14.47
C ARG B 82 12.58 -9.01 13.18
N VAL B 83 12.01 -9.44 12.06
CA VAL B 83 12.79 -9.45 10.80
C VAL B 83 13.24 -8.03 10.42
N MSE B 84 12.32 -7.10 10.63
CA MSE B 84 12.54 -5.73 10.33
C MSE B 84 13.62 -5.08 11.18
O MSE B 84 14.36 -4.26 10.68
CB MSE B 84 11.23 -4.95 10.43
CG MSE B 84 10.42 -5.10 9.16
SE MSE B 84 8.48 -4.60 9.41
CE MSE B 84 7.84 -6.14 9.22
N GLU B 85 13.68 -5.42 12.44
CA GLU B 85 14.64 -4.79 13.33
C GLU B 85 16.00 -5.44 13.24
N GLU B 86 16.09 -6.65 12.68
CA GLU B 86 17.33 -7.38 12.71
C GLU B 86 17.94 -7.57 11.36
N THR B 87 17.16 -8.04 10.38
CA THR B 87 17.66 -8.36 9.05
C THR B 87 16.60 -7.97 8.00
N PRO B 88 16.31 -6.67 7.88
CA PRO B 88 15.27 -6.22 6.96
C PRO B 88 15.52 -6.60 5.52
N SER B 89 16.78 -6.90 5.20
CA SER B 89 17.12 -7.26 3.83
C SER B 89 16.43 -8.52 3.37
N ILE B 90 16.00 -9.37 4.31
CA ILE B 90 15.26 -10.55 3.87
C ILE B 90 13.90 -10.18 3.25
N LEU B 91 13.43 -8.94 3.45
CA LEU B 91 12.14 -8.51 2.91
C LEU B 91 12.26 -7.87 1.53
N ARG B 92 13.49 -7.70 1.06
CA ARG B 92 13.81 -7.25 -0.32
C ARG B 92 13.28 -8.15 -1.48
N VAL B 93 12.84 -7.47 -2.53
CA VAL B 93 12.36 -8.07 -3.75
C VAL B 93 13.11 -7.42 -4.89
N PRO B 94 14.05 -8.16 -5.45
CA PRO B 94 14.09 -9.60 -5.25
C PRO B 94 15.08 -9.97 -4.16
N TYR B 95 14.93 -11.17 -3.62
CA TYR B 95 15.70 -11.61 -2.46
C TYR B 95 17.14 -11.95 -2.78
N GLU B 96 18.07 -11.10 -2.34
CA GLU B 96 19.49 -11.39 -2.35
C GLU B 96 19.95 -11.99 -1.02
N PRO B 97 20.25 -13.32 -1.00
CA PRO B 97 20.79 -13.98 0.20
C PRO B 97 22.10 -13.33 0.67
N SER B 98 22.21 -13.08 1.96
CA SER B 98 23.34 -12.30 2.46
C SER B 98 24.42 -13.16 3.18
P PO4 C . 8.65 17.78 -10.64
O1 PO4 C . 8.61 17.82 -12.19
O2 PO4 C . 9.60 18.97 -10.28
O3 PO4 C . 7.10 17.92 -10.08
O4 PO4 C . 9.38 16.42 -10.14
MG MG D . -1.00 -5.00 -2.34
MG MG E . -0.37 0.10 7.45
PG GTP F . -3.64 -4.45 -0.64
O1G GTP F . -4.59 -5.43 -0.02
O2G GTP F . -2.32 -5.20 -0.62
O3G GTP F . -3.60 -3.27 0.32
O3B GTP F . -4.11 -4.01 -2.26
PB GTP F . -3.28 -3.01 -3.29
O1B GTP F . -3.48 -1.56 -2.91
O2B GTP F . -1.78 -3.18 -3.21
O3A GTP F . -3.65 -2.91 -4.84
PA GTP F . -3.07 -3.79 -6.02
O1A GTP F . -1.74 -3.28 -6.61
O2A GTP F . -2.97 -5.22 -5.55
O5' GTP F . -4.21 -3.69 -7.10
C5' GTP F . -5.54 -4.05 -6.74
C4' GTP F . -6.31 -4.33 -8.03
O4' GTP F . -6.49 -3.19 -8.87
C3' GTP F . -5.61 -5.37 -8.88
O3' GTP F . -6.63 -6.09 -9.49
C2' GTP F . -4.90 -4.53 -9.92
O2' GTP F . -4.76 -5.16 -11.16
C1' GTP F . -5.84 -3.38 -10.10
N9 GTP F . -5.06 -2.16 -10.39
C8 GTP F . -3.94 -1.66 -9.75
N7 GTP F . -3.62 -0.49 -10.36
C5 GTP F . -4.51 -0.23 -11.34
C6 GTP F . -4.67 0.80 -12.30
O6 GTP F . -3.88 1.79 -12.37
N1 GTP F . -5.75 0.71 -13.18
C2 GTP F . -6.62 -0.36 -13.17
N2 GTP F . -7.64 -0.43 -14.01
N3 GTP F . -6.46 -1.37 -12.24
C4 GTP F . -5.43 -1.29 -11.36
#